data_3E0G
#
_entry.id   3E0G
#
_cell.length_a   90.008
_cell.length_b   143.169
_cell.length_c   80.362
_cell.angle_alpha   90.00
_cell.angle_beta   110.38
_cell.angle_gamma   90.00
#
_symmetry.space_group_name_H-M   'C 1 2 1'
#
loop_
_entity.id
_entity.type
_entity.pdbx_description
1 polymer 'Leukemia inhibitory factor receptor'
2 branched alpha-D-mannopyranose-(1-4)-2-acetamido-2-deoxy-beta-D-glucopyranose-(1-4)-[alpha-L-fucopyranose-(1-6)]2-acetamido-2-deoxy-beta-D-glucopyranose
3 branched 2-acetamido-2-deoxy-beta-D-glucopyranose-(1-4)-2-acetamido-2-deoxy-beta-D-glucopyranose
4 branched 2-acetamido-2-deoxy-beta-D-glucopyranose-(1-4)-[alpha-L-fucopyranose-(1-6)]2-acetamido-2-deoxy-beta-D-glucopyranose
#
_entity_poly.entity_id   1
_entity_poly.type   'polypeptide(L)'
_entity_poly.pdbx_seq_one_letter_code
;DLKCVTNNLQVWQCSWKAPSGTGRGTDYEVCIEQRSRSCYQLEKTSIKIPALSHGDYEITINSLHDFGSSTSKFTLNEQN
VSLIPDTPEILQLSADFSTSTLYLKWNDRGSVFPHRSNVIWEIKVLRKESMELVKLVTHQTTLNGKDTLHHWSWASDMPL
ECAIHFVEIRCYIDNLHFSGLEEWSDWSPVKQISWIPDSQTKVFPQDKVILVGSDITFCCVSQEKVLSALIGHTNCPLIH
LDGENVAIKIRNISVSASSGTNVVFTTEDNIFGTVIFAGYPPDTPQQLNCETHDLKEIICSWNPGRVTALVGPRATSYTL
VESFSGKYVRLKRAEAPTNESYQLLFQMLPNQEIYNFTLNAHNPLGRSQSTILVNITEKVYPHTPTSFKVKDINSTAVKL
SWHLPGNFAKINFLCEIEIKKSNSVQEQRNVTIQGVENSSYLVALDKLNPYTLYTFRIRCSTETFWKWSKWSNKKQHLTT
EAS
;
_entity_poly.pdbx_strand_id   A
#
# COMPACT_ATOMS: atom_id res chain seq x y z
N ASP A 1 -11.40 -59.40 -2.20
CA ASP A 1 -11.09 -58.00 -2.64
C ASP A 1 -11.89 -56.98 -1.81
N LEU A 2 -11.88 -57.19 -0.49
CA LEU A 2 -12.52 -56.30 0.47
C LEU A 2 -11.80 -54.94 0.51
N LYS A 3 -12.51 -53.91 0.99
CA LYS A 3 -11.93 -52.58 1.19
C LYS A 3 -12.77 -51.77 2.17
N CYS A 4 -12.10 -51.13 3.12
CA CYS A 4 -12.76 -50.24 4.08
C CYS A 4 -12.24 -48.81 4.02
N VAL A 5 -13.17 -47.86 4.06
CA VAL A 5 -12.84 -46.43 4.04
C VAL A 5 -13.62 -45.71 5.14
N THR A 6 -13.39 -44.41 5.28
CA THR A 6 -14.06 -43.61 6.29
C THR A 6 -13.86 -42.14 6.03
N ASN A 7 -14.87 -41.34 6.38
CA ASN A 7 -14.87 -39.89 6.15
C ASN A 7 -15.00 -39.10 7.43
N ASN A 8 -15.35 -39.81 8.49
CA ASN A 8 -15.46 -39.27 9.81
C ASN A 8 -14.78 -40.35 10.62
N LEU A 9 -13.95 -39.97 11.58
CA LEU A 9 -13.21 -40.99 12.28
C LEU A 9 -14.11 -41.92 13.07
N GLN A 10 -15.43 -41.82 12.82
CA GLN A 10 -16.41 -42.54 13.63
C GLN A 10 -16.97 -43.81 13.02
N VAL A 11 -17.14 -43.87 11.70
CA VAL A 11 -17.78 -45.05 11.07
C VAL A 11 -16.93 -45.59 9.92
N TRP A 12 -16.91 -46.91 9.77
CA TRP A 12 -16.19 -47.51 8.66
C TRP A 12 -17.17 -48.06 7.66
N GLN A 13 -17.09 -47.54 6.44
CA GLN A 13 -17.96 -47.99 5.38
C GLN A 13 -17.19 -48.95 4.48
N CYS A 14 -17.31 -50.25 4.75
CA CYS A 14 -16.59 -51.28 3.97
C CYS A 14 -17.39 -51.79 2.81
N SER A 15 -16.73 -52.43 1.85
CA SER A 15 -17.37 -53.03 0.70
C SER A 15 -16.47 -54.09 0.09
N TRP A 16 -16.85 -55.35 0.27
CA TRP A 16 -16.05 -56.49 -0.16
C TRP A 16 -16.12 -56.78 -1.66
N LYS A 17 -15.49 -57.87 -2.07
CA LYS A 17 -15.40 -58.31 -3.47
C LYS A 17 -16.71 -58.86 -4.03
N ALA A 18 -16.61 -59.49 -5.20
CA ALA A 18 -17.75 -60.07 -5.90
C ALA A 18 -18.05 -61.47 -5.33
N PRO A 19 -19.02 -62.21 -5.92
CA PRO A 19 -19.34 -63.55 -5.43
C PRO A 19 -18.40 -64.69 -5.90
N SER A 20 -18.06 -65.58 -4.96
CA SER A 20 -17.21 -66.75 -5.22
C SER A 20 -17.99 -67.88 -5.89
N GLY A 21 -19.03 -68.38 -5.20
CA GLY A 21 -19.81 -69.52 -5.68
C GLY A 21 -21.28 -69.26 -6.02
N THR A 22 -21.86 -68.21 -5.44
CA THR A 22 -23.28 -67.85 -5.68
C THR A 22 -23.41 -66.72 -6.71
N GLY A 23 -24.46 -66.78 -7.54
CA GLY A 23 -24.69 -65.80 -8.61
C GLY A 23 -24.99 -64.38 -8.17
N ARG A 24 -25.78 -63.67 -8.98
CA ARG A 24 -26.13 -62.27 -8.71
C ARG A 24 -27.51 -62.12 -8.06
N GLY A 25 -27.68 -61.06 -7.27
CA GLY A 25 -28.94 -60.78 -6.59
C GLY A 25 -29.15 -61.59 -5.31
N THR A 26 -28.05 -61.89 -4.62
CA THR A 26 -28.10 -62.66 -3.38
C THR A 26 -28.04 -61.73 -2.18
N ASP A 27 -28.81 -62.05 -1.14
CA ASP A 27 -28.73 -61.34 0.13
C ASP A 27 -27.52 -61.86 0.90
N TYR A 28 -27.14 -61.15 1.96
CA TYR A 28 -25.99 -61.54 2.78
C TYR A 28 -26.28 -61.42 4.26
N GLU A 29 -25.45 -62.09 5.06
CA GLU A 29 -25.54 -62.03 6.50
C GLU A 29 -24.14 -61.92 7.05
N VAL A 30 -23.82 -60.75 7.61
CA VAL A 30 -22.48 -60.50 8.15
C VAL A 30 -22.53 -60.31 9.65
N CYS A 31 -21.50 -60.80 10.34
CA CYS A 31 -21.38 -60.55 11.77
C CYS A 31 -20.01 -59.99 12.11
N ILE A 32 -19.99 -59.14 13.14
CA ILE A 32 -18.77 -58.49 13.59
C ILE A 32 -18.44 -58.88 15.03
N GLU A 33 -17.37 -59.64 15.18
CA GLU A 33 -17.00 -60.15 16.49
C GLU A 33 -15.68 -59.66 17.05
N GLN A 34 -15.79 -58.87 18.10
CA GLN A 34 -14.64 -58.31 18.77
C GLN A 34 -14.83 -58.63 20.23
N ARG A 35 -15.58 -57.78 20.92
CA ARG A 35 -16.02 -58.05 22.28
C ARG A 35 -17.53 -58.18 22.24
N SER A 36 -18.18 -57.35 21.42
CA SER A 36 -19.63 -57.37 21.30
C SER A 36 -20.10 -58.62 20.54
N ARG A 37 -21.38 -58.62 20.16
CA ARG A 37 -21.96 -59.74 19.44
C ARG A 37 -23.12 -59.29 18.56
N SER A 38 -22.84 -58.38 17.63
CA SER A 38 -23.86 -57.86 16.73
C SER A 38 -23.67 -58.39 15.31
N CYS A 39 -24.77 -58.69 14.64
CA CYS A 39 -24.72 -59.21 13.28
C CYS A 39 -25.49 -58.29 12.32
N TYR A 40 -25.49 -58.66 11.04
CA TYR A 40 -26.19 -57.87 10.02
C TYR A 40 -26.88 -58.71 8.95
N GLN A 41 -27.80 -58.08 8.23
CA GLN A 41 -28.55 -58.70 7.14
C GLN A 41 -28.50 -57.77 5.93
N LEU A 42 -27.53 -58.02 5.04
CA LEU A 42 -27.28 -57.12 3.92
C LEU A 42 -27.83 -57.64 2.60
N GLU A 43 -28.06 -56.72 1.68
CA GLU A 43 -28.55 -57.07 0.35
C GLU A 43 -27.53 -56.70 -0.71
N LYS A 44 -26.58 -55.85 -0.35
CA LYS A 44 -25.52 -55.44 -1.26
C LYS A 44 -24.15 -55.84 -0.72
N THR A 45 -23.13 -55.10 -1.13
CA THR A 45 -21.77 -55.36 -0.70
C THR A 45 -21.39 -54.55 0.53
N SER A 46 -21.73 -53.26 0.55
CA SER A 46 -21.33 -52.39 1.66
C SER A 46 -21.91 -52.83 2.99
N ILE A 47 -21.34 -52.32 4.09
CA ILE A 47 -21.76 -52.73 5.44
C ILE A 47 -21.87 -51.63 6.48
N LYS A 48 -21.04 -50.59 6.40
CA LYS A 48 -21.11 -49.48 7.35
C LYS A 48 -21.12 -49.84 8.84
N ILE A 49 -19.97 -50.26 9.35
CA ILE A 49 -19.90 -50.77 10.71
C ILE A 49 -19.24 -49.76 11.63
N PRO A 50 -19.58 -49.77 12.93
CA PRO A 50 -18.96 -48.79 13.82
C PRO A 50 -17.45 -48.98 13.85
N ALA A 51 -16.73 -47.87 13.93
CA ALA A 51 -15.27 -47.84 13.87
C ALA A 51 -14.66 -48.28 15.17
N LEU A 52 -13.60 -49.07 15.07
CA LEU A 52 -12.95 -49.60 16.26
C LEU A 52 -11.52 -49.08 16.38
N SER A 53 -11.35 -48.04 17.19
CA SER A 53 -10.05 -47.36 17.37
C SER A 53 -8.79 -48.19 17.63
N HIS A 54 -8.70 -48.77 18.82
CA HIS A 54 -7.71 -49.79 19.14
C HIS A 54 -8.45 -51.11 19.40
N GLY A 55 -8.12 -52.14 18.62
CA GLY A 55 -8.78 -53.44 18.72
C GLY A 55 -8.99 -54.11 17.38
N ASP A 56 -9.07 -55.44 17.41
CA ASP A 56 -9.30 -56.25 16.22
C ASP A 56 -10.76 -56.64 16.05
N TYR A 57 -11.13 -57.03 14.84
CA TYR A 57 -12.48 -57.50 14.55
C TYR A 57 -12.43 -58.95 14.06
N GLU A 58 -13.61 -59.54 13.94
CA GLU A 58 -13.76 -60.89 13.43
C GLU A 58 -15.03 -60.89 12.61
N ILE A 59 -14.88 -60.77 11.29
CA ILE A 59 -16.04 -60.58 10.42
C ILE A 59 -16.46 -61.84 9.67
N THR A 60 -17.70 -62.28 9.92
CA THR A 60 -18.23 -63.48 9.30
C THR A 60 -19.23 -63.13 8.20
N ILE A 61 -18.96 -63.60 6.99
CA ILE A 61 -19.88 -63.40 5.88
C ILE A 61 -20.43 -64.73 5.41
N ASN A 62 -21.73 -64.74 5.13
CA ASN A 62 -22.40 -65.92 4.61
C ASN A 62 -23.13 -65.54 3.32
N SER A 63 -23.01 -66.38 2.29
CA SER A 63 -23.63 -66.13 0.99
C SER A 63 -25.15 -66.23 1.05
N LEU A 64 -25.67 -66.76 2.17
CA LEU A 64 -27.10 -66.98 2.40
C LEU A 64 -27.69 -68.19 1.67
N HIS A 65 -26.85 -68.94 0.97
CA HIS A 65 -27.24 -70.21 0.33
C HIS A 65 -26.11 -70.79 -0.51
N ASP A 66 -25.93 -72.11 -0.44
CA ASP A 66 -24.86 -72.82 -1.16
C ASP A 66 -23.48 -72.30 -0.75
N PHE A 67 -23.25 -72.32 0.56
CA PHE A 67 -22.04 -71.84 1.21
C PHE A 67 -20.77 -72.44 0.60
N SER A 72 -19.79 -70.72 3.57
CA SER A 72 -19.14 -69.67 2.82
C SER A 72 -17.76 -69.40 3.42
N LYS A 73 -16.72 -69.56 2.60
CA LYS A 73 -15.36 -69.30 3.02
C LYS A 73 -15.11 -67.78 3.13
N PHE A 74 -15.80 -67.15 4.07
CA PHE A 74 -15.70 -65.70 4.29
C PHE A 74 -15.34 -65.35 5.73
N THR A 75 -14.08 -65.01 5.93
CA THR A 75 -13.54 -64.66 7.26
C THR A 75 -12.33 -63.72 7.13
N LEU A 76 -12.39 -62.58 7.83
CA LEU A 76 -11.36 -61.54 7.75
C LEU A 76 -11.20 -60.78 9.07
N ASN A 77 -10.23 -59.85 9.13
CA ASN A 77 -9.96 -59.03 10.31
C ASN A 77 -10.02 -57.52 10.05
N GLU A 78 -9.94 -56.73 11.12
CA GLU A 78 -10.02 -55.28 11.01
C GLU A 78 -9.30 -54.47 12.07
N GLN A 79 -8.40 -53.59 11.66
CA GLN A 79 -7.68 -52.79 12.63
C GLN A 79 -7.70 -51.30 12.46
N ASN A 80 -6.88 -50.82 11.52
CA ASN A 80 -6.92 -49.48 10.99
C ASN A 80 -7.98 -49.50 9.92
N VAL A 81 -7.94 -48.49 9.02
CA VAL A 81 -8.88 -48.30 7.88
C VAL A 81 -8.22 -47.41 6.82
N SER A 82 -9.02 -46.75 6.00
CA SER A 82 -8.51 -45.79 5.02
C SER A 82 -9.35 -44.49 5.08
N LEU A 83 -8.68 -43.37 5.41
CA LEU A 83 -9.39 -42.11 5.65
C LEU A 83 -9.46 -41.19 4.43
N ILE A 84 -10.65 -41.06 3.87
CA ILE A 84 -10.87 -40.19 2.74
C ILE A 84 -11.77 -39.04 3.17
N PRO A 85 -11.22 -37.82 3.27
CA PRO A 85 -12.05 -36.69 3.69
C PRO A 85 -13.19 -36.30 2.78
N ASP A 86 -14.24 -35.80 3.40
CA ASP A 86 -15.37 -35.25 2.68
C ASP A 86 -14.98 -34.12 1.75
N THR A 87 -15.02 -34.42 0.46
CA THR A 87 -14.71 -33.45 -0.59
C THR A 87 -15.25 -32.07 -0.26
N PRO A 88 -14.36 -31.08 -0.19
CA PRO A 88 -14.75 -29.74 0.21
C PRO A 88 -15.61 -29.13 -0.87
N GLU A 89 -16.22 -27.99 -0.56
CA GLU A 89 -17.08 -27.30 -1.49
C GLU A 89 -16.88 -25.80 -1.38
N ILE A 90 -16.65 -25.13 -2.50
CA ILE A 90 -16.42 -23.69 -2.50
C ILE A 90 -17.68 -22.91 -2.11
N LEU A 91 -17.55 -22.04 -1.12
CA LEU A 91 -18.69 -21.24 -0.71
C LEU A 91 -19.04 -20.15 -1.71
N GLN A 92 -18.05 -19.38 -2.14
CA GLN A 92 -18.31 -18.26 -3.06
C GLN A 92 -17.02 -17.66 -3.60
N LEU A 93 -16.89 -17.65 -4.93
CA LEU A 93 -15.73 -17.10 -5.61
C LEU A 93 -16.12 -15.84 -6.34
N SER A 94 -15.39 -14.77 -6.08
CA SER A 94 -15.68 -13.46 -6.64
C SER A 94 -14.41 -12.80 -7.11
N ALA A 95 -14.54 -11.72 -7.90
CA ALA A 95 -13.38 -10.96 -8.39
C ALA A 95 -13.53 -9.45 -8.28
N ASP A 96 -12.39 -8.77 -8.08
CA ASP A 96 -12.33 -7.31 -8.15
C ASP A 96 -11.54 -6.96 -9.40
N PHE A 97 -12.25 -6.77 -10.50
CA PHE A 97 -11.64 -6.54 -11.80
C PHE A 97 -10.69 -5.35 -11.86
N SER A 98 -10.95 -4.34 -11.04
CA SER A 98 -10.08 -3.16 -10.97
C SER A 98 -8.66 -3.57 -10.60
N THR A 99 -8.53 -4.38 -9.57
CA THR A 99 -7.23 -4.82 -9.11
C THR A 99 -6.90 -6.18 -9.72
N SER A 100 -7.85 -6.71 -10.49
CA SER A 100 -7.72 -8.01 -11.15
C SER A 100 -7.29 -9.06 -10.15
N THR A 101 -8.04 -9.18 -9.06
CA THR A 101 -7.74 -10.17 -8.04
C THR A 101 -8.93 -11.04 -7.70
N LEU A 102 -8.63 -12.28 -7.28
CA LEU A 102 -9.63 -13.27 -6.97
C LEU A 102 -9.89 -13.44 -5.48
N TYR A 103 -11.16 -13.67 -5.14
CA TYR A 103 -11.59 -13.88 -3.77
C TYR A 103 -12.31 -15.21 -3.65
N LEU A 104 -11.82 -16.02 -2.73
CA LEU A 104 -12.35 -17.34 -2.50
C LEU A 104 -12.78 -17.35 -1.05
N LYS A 105 -13.84 -18.10 -0.76
CA LYS A 105 -14.34 -18.27 0.61
C LYS A 105 -15.02 -19.62 0.64
N TRP A 106 -14.65 -20.46 1.60
CA TRP A 106 -15.28 -21.76 1.74
C TRP A 106 -15.39 -22.08 3.20
N ASN A 107 -16.19 -23.08 3.54
CA ASN A 107 -16.33 -23.47 4.92
C ASN A 107 -16.04 -24.93 5.18
N ASP A 108 -14.92 -25.19 5.85
CA ASP A 108 -14.61 -26.55 6.25
C ASP A 108 -15.72 -26.94 7.19
N ARG A 109 -16.33 -28.09 6.95
CA ARG A 109 -17.40 -28.49 7.82
C ARG A 109 -16.82 -29.19 9.03
N GLY A 110 -16.03 -28.42 9.78
CA GLY A 110 -15.37 -28.91 10.97
C GLY A 110 -16.37 -29.54 11.92
N SER A 111 -17.57 -28.96 11.96
CA SER A 111 -18.64 -29.42 12.82
C SER A 111 -18.91 -30.92 12.76
N VAL A 112 -18.84 -31.51 11.57
CA VAL A 112 -19.10 -32.94 11.42
C VAL A 112 -17.79 -33.74 11.43
N PHE A 113 -16.81 -33.21 12.16
CA PHE A 113 -15.53 -33.85 12.30
C PHE A 113 -14.94 -33.58 13.68
N PRO A 114 -14.95 -34.60 14.54
CA PRO A 114 -14.79 -34.78 16.00
C PRO A 114 -13.58 -34.19 16.70
N HIS A 115 -12.41 -34.75 16.43
CA HIS A 115 -11.19 -34.36 17.15
C HIS A 115 -10.56 -33.17 16.50
N ARG A 116 -9.75 -32.45 17.28
CA ARG A 116 -8.96 -31.35 16.75
C ARG A 116 -7.87 -32.01 15.94
N SER A 117 -8.04 -32.01 14.62
CA SER A 117 -7.08 -32.63 13.73
C SER A 117 -6.52 -31.54 12.85
N ASN A 118 -5.30 -31.73 12.35
CA ASN A 118 -4.71 -30.80 11.39
C ASN A 118 -5.23 -31.08 10.00
N VAL A 119 -5.35 -30.03 9.21
CA VAL A 119 -5.82 -30.18 7.85
C VAL A 119 -4.95 -29.36 6.90
N ILE A 120 -4.86 -29.81 5.65
CA ILE A 120 -4.07 -29.13 4.63
C ILE A 120 -4.98 -28.79 3.45
N TRP A 121 -5.19 -27.49 3.24
CA TRP A 121 -5.96 -27.00 2.10
C TRP A 121 -5.04 -26.74 0.94
N GLU A 122 -5.50 -27.10 -0.25
CA GLU A 122 -4.73 -26.85 -1.46
C GLU A 122 -5.65 -26.17 -2.45
N ILE A 123 -5.35 -24.90 -2.72
CA ILE A 123 -6.11 -24.14 -3.69
C ILE A 123 -5.43 -24.18 -5.04
N LYS A 124 -6.23 -24.32 -6.08
CA LYS A 124 -5.70 -24.36 -7.44
C LYS A 124 -6.43 -23.40 -8.39
N VAL A 125 -5.64 -22.61 -9.14
CA VAL A 125 -6.17 -21.63 -10.08
C VAL A 125 -5.75 -21.90 -11.52
N LEU A 126 -6.70 -22.15 -12.40
CA LEU A 126 -6.43 -22.39 -13.82
C LEU A 126 -7.00 -21.23 -14.65
N ARG A 127 -6.35 -20.89 -15.78
CA ARG A 127 -6.77 -19.70 -16.57
C ARG A 127 -7.68 -19.82 -17.78
N LYS A 128 -7.96 -21.08 -18.06
CA LYS A 128 -8.55 -21.66 -19.25
C LYS A 128 -8.41 -22.88 -18.38
N GLU A 129 -9.41 -23.75 -18.51
CA GLU A 129 -9.50 -25.04 -17.80
C GLU A 129 -8.18 -25.75 -17.57
N SER A 130 -7.38 -25.78 -18.62
CA SER A 130 -6.07 -26.35 -18.63
C SER A 130 -4.81 -25.83 -17.91
N MET A 131 -4.31 -24.67 -18.38
CA MET A 131 -3.20 -23.92 -17.75
C MET A 131 -3.32 -23.66 -16.25
N GLU A 132 -2.27 -24.00 -15.50
CA GLU A 132 -2.27 -23.78 -14.06
C GLU A 132 -1.40 -22.61 -13.57
N LEU A 133 -2.02 -21.68 -12.83
CA LEU A 133 -1.37 -20.40 -12.50
C LEU A 133 -0.86 -20.17 -11.10
N VAL A 134 -1.70 -20.35 -10.09
CA VAL A 134 -1.18 -20.28 -8.73
C VAL A 134 -1.50 -21.57 -8.01
N LYS A 135 -0.62 -21.96 -7.09
CA LYS A 135 -0.82 -23.16 -6.29
C LYS A 135 -0.53 -22.92 -4.83
N LEU A 136 -1.58 -22.87 -4.03
CA LEU A 136 -1.46 -22.50 -2.64
C LEU A 136 -1.62 -23.68 -1.70
N VAL A 137 -0.94 -23.59 -0.58
CA VAL A 137 -0.99 -24.60 0.47
C VAL A 137 -1.08 -23.86 1.83
N THR A 138 -2.20 -23.95 2.53
CA THR A 138 -2.21 -23.44 3.93
C THR A 138 -2.46 -24.59 4.86
N HIS A 139 -1.78 -24.57 5.99
CA HIS A 139 -1.95 -25.60 6.97
C HIS A 139 -2.53 -25.17 8.29
N GLN A 140 -3.50 -25.94 8.79
CA GLN A 140 -4.16 -25.57 10.04
C GLN A 140 -4.80 -26.77 10.75
N THR A 141 -5.85 -26.50 11.51
CA THR A 141 -6.52 -27.50 12.30
C THR A 141 -8.04 -27.36 12.22
N THR A 142 -8.72 -28.50 12.20
CA THR A 142 -10.18 -28.56 12.25
C THR A 142 -10.58 -28.10 13.64
N LEU A 143 -10.87 -26.80 13.72
CA LEU A 143 -11.14 -26.08 14.97
C LEU A 143 -12.20 -26.73 15.80
N ASN A 144 -11.76 -27.41 16.85
CA ASN A 144 -12.68 -28.02 17.79
C ASN A 144 -14.02 -28.52 17.27
N GLY A 145 -13.98 -29.23 16.13
CA GLY A 145 -15.15 -29.59 15.33
C GLY A 145 -16.21 -28.51 15.15
N LYS A 146 -15.77 -27.28 14.93
CA LYS A 146 -16.70 -26.20 14.60
C LYS A 146 -16.41 -25.75 13.19
N ASP A 147 -17.48 -25.45 12.46
CA ASP A 147 -17.37 -24.91 11.11
C ASP A 147 -16.66 -23.60 11.16
N THR A 148 -15.49 -23.55 10.53
CA THR A 148 -14.69 -22.34 10.49
C THR A 148 -14.56 -21.89 9.05
N LEU A 149 -14.83 -20.62 8.81
CA LEU A 149 -14.86 -20.06 7.46
C LEU A 149 -13.52 -19.48 7.04
N HIS A 150 -13.06 -19.86 5.85
CA HIS A 150 -11.74 -19.43 5.42
C HIS A 150 -11.78 -18.51 4.22
N HIS A 151 -10.80 -17.61 4.15
CA HIS A 151 -10.74 -16.66 3.07
C HIS A 151 -9.40 -16.76 2.37
N TRP A 152 -9.40 -16.64 1.06
CA TRP A 152 -8.17 -16.58 0.28
C TRP A 152 -8.31 -15.71 -0.97
N SER A 153 -7.37 -14.79 -1.15
CA SER A 153 -7.36 -13.92 -2.31
C SER A 153 -6.01 -14.00 -3.02
N TRP A 154 -5.96 -13.47 -4.24
CA TRP A 154 -4.80 -13.54 -5.09
C TRP A 154 -4.98 -12.54 -6.19
N ALA A 155 -3.98 -11.70 -6.38
CA ALA A 155 -4.01 -10.70 -7.43
C ALA A 155 -3.37 -11.28 -8.67
N SER A 156 -4.20 -11.71 -9.63
CA SER A 156 -3.66 -12.43 -10.79
C SER A 156 -2.53 -11.67 -11.47
N ASP A 157 -1.64 -12.39 -12.16
CA ASP A 157 -0.59 -11.73 -12.90
C ASP A 157 -1.14 -11.18 -14.21
N MET A 158 -2.28 -11.72 -14.64
CA MET A 158 -2.99 -11.22 -15.83
C MET A 158 -4.41 -10.76 -15.52
N PRO A 159 -4.82 -9.62 -16.08
CA PRO A 159 -6.17 -9.07 -15.87
C PRO A 159 -7.27 -10.11 -16.01
N LEU A 160 -8.20 -10.12 -15.06
CA LEU A 160 -9.25 -11.13 -15.03
C LEU A 160 -10.23 -11.03 -16.19
N GLU A 161 -10.09 -9.97 -16.97
CA GLU A 161 -11.00 -9.74 -18.06
C GLU A 161 -10.73 -10.58 -19.29
N CYS A 162 -9.48 -10.79 -19.65
CA CYS A 162 -9.25 -11.42 -20.94
C CYS A 162 -8.94 -12.92 -20.89
N ALA A 163 -9.35 -13.59 -19.82
CA ALA A 163 -9.24 -15.05 -19.75
C ALA A 163 -10.08 -15.60 -18.62
N ILE A 164 -10.67 -16.75 -18.88
CA ILE A 164 -11.50 -17.42 -17.91
C ILE A 164 -10.60 -17.96 -16.80
N HIS A 165 -11.14 -18.02 -15.57
CA HIS A 165 -10.38 -18.56 -14.46
C HIS A 165 -11.22 -19.46 -13.59
N PHE A 166 -10.82 -20.72 -13.50
CA PHE A 166 -11.47 -21.69 -12.63
C PHE A 166 -10.63 -21.82 -11.37
N VAL A 167 -11.27 -22.25 -10.29
CA VAL A 167 -10.59 -22.48 -9.01
C VAL A 167 -11.22 -23.67 -8.30
N GLU A 168 -10.37 -24.62 -7.94
CA GLU A 168 -10.81 -25.80 -7.25
C GLU A 168 -10.06 -25.79 -5.95
N ILE A 169 -10.31 -26.80 -5.11
CA ILE A 169 -9.69 -26.89 -3.81
C ILE A 169 -9.93 -28.28 -3.26
N ARG A 170 -8.97 -28.78 -2.47
CA ARG A 170 -9.09 -30.07 -1.82
C ARG A 170 -8.31 -30.06 -0.52
N CYS A 171 -8.45 -31.09 0.30
CA CYS A 171 -7.76 -31.12 1.59
C CYS A 171 -7.22 -32.47 2.08
N TYR A 172 -6.34 -32.41 3.07
CA TYR A 172 -5.70 -33.59 3.63
C TYR A 172 -5.85 -33.48 5.13
N ILE A 173 -6.44 -34.50 5.76
CA ILE A 173 -6.66 -34.43 7.18
C ILE A 173 -5.83 -35.49 7.84
N ASP A 174 -4.87 -35.04 8.64
CA ASP A 174 -3.99 -35.92 9.38
C ASP A 174 -4.46 -35.90 10.83
N ASN A 175 -5.02 -37.01 11.30
CA ASN A 175 -5.41 -37.10 12.70
C ASN A 175 -4.35 -37.89 13.42
N LEU A 176 -3.68 -37.23 14.35
CA LEU A 176 -2.54 -37.81 15.02
C LEU A 176 -2.81 -39.21 15.58
N HIS A 177 -4.07 -39.48 15.92
CA HIS A 177 -4.39 -40.77 16.56
C HIS A 177 -5.01 -41.82 15.65
N PHE A 178 -5.01 -41.59 14.34
CA PHE A 178 -5.53 -42.57 13.41
C PHE A 178 -4.43 -43.49 12.85
N SER A 179 -4.74 -44.77 12.73
CA SER A 179 -3.73 -45.75 12.31
C SER A 179 -3.83 -46.07 10.85
N GLY A 180 -5.02 -45.89 10.28
CA GLY A 180 -5.26 -46.20 8.88
C GLY A 180 -4.55 -45.20 7.97
N LEU A 181 -4.41 -45.56 6.70
CA LEU A 181 -3.79 -44.63 5.76
C LEU A 181 -4.72 -43.46 5.48
N GLU A 182 -4.11 -42.29 5.30
CA GLU A 182 -4.84 -41.05 5.12
C GLU A 182 -4.63 -40.50 3.72
N GLU A 183 -5.66 -40.61 2.87
CA GLU A 183 -5.62 -40.15 1.49
C GLU A 183 -6.14 -38.71 1.35
N TRP A 184 -6.01 -38.12 0.16
CA TRP A 184 -6.50 -36.75 -0.15
C TRP A 184 -8.00 -36.77 -0.52
N SER A 185 -8.72 -35.69 -0.19
CA SER A 185 -10.09 -35.53 -0.64
C SER A 185 -10.13 -35.36 -2.15
N ASP A 186 -11.33 -35.49 -2.72
CA ASP A 186 -11.57 -35.21 -4.13
C ASP A 186 -11.44 -33.72 -4.34
N TRP A 187 -11.26 -33.29 -5.58
CA TRP A 187 -11.20 -31.85 -5.88
C TRP A 187 -12.58 -31.24 -5.81
N SER A 188 -12.68 -30.12 -5.12
CA SER A 188 -13.95 -29.44 -5.03
C SER A 188 -14.50 -29.24 -6.44
N PRO A 189 -15.83 -29.28 -6.57
CA PRO A 189 -16.42 -29.07 -7.85
C PRO A 189 -15.97 -27.71 -8.34
N VAL A 190 -15.74 -27.60 -9.64
CA VAL A 190 -15.19 -26.41 -10.29
C VAL A 190 -16.05 -25.16 -10.15
N LYS A 191 -15.37 -24.06 -9.84
CA LYS A 191 -16.00 -22.76 -9.65
C LYS A 191 -15.23 -21.71 -10.46
N GLN A 192 -15.82 -21.29 -11.60
CA GLN A 192 -15.14 -20.32 -12.48
C GLN A 192 -15.76 -18.94 -12.65
N ILE A 193 -14.89 -17.98 -12.97
CA ILE A 193 -15.28 -16.61 -13.17
C ILE A 193 -14.70 -16.05 -14.46
N SER A 194 -15.57 -15.75 -15.41
CA SER A 194 -15.13 -15.12 -16.66
C SER A 194 -15.90 -13.84 -16.83
N TRP A 195 -15.25 -12.89 -17.47
CA TRP A 195 -15.83 -11.59 -17.71
C TRP A 195 -16.61 -11.69 -18.99
N ILE A 196 -17.72 -10.96 -19.02
CA ILE A 196 -18.54 -10.86 -20.21
C ILE A 196 -18.05 -9.65 -20.98
N PRO A 197 -17.42 -9.86 -22.16
CA PRO A 197 -16.92 -8.74 -22.98
C PRO A 197 -17.95 -7.61 -23.17
N ASP A 198 -17.87 -6.60 -22.30
CA ASP A 198 -18.87 -5.51 -22.24
C ASP A 198 -18.27 -4.11 -21.99
N SER A 199 -17.44 -3.61 -22.90
CA SER A 199 -16.80 -2.31 -22.70
C SER A 199 -16.32 -1.64 -23.99
N GLN A 200 -15.51 -0.60 -23.82
CA GLN A 200 -14.83 0.05 -24.92
C GLN A 200 -13.39 -0.48 -24.96
N THR A 201 -12.76 -0.52 -23.79
CA THR A 201 -11.39 -1.02 -23.66
C THR A 201 -11.27 -2.52 -24.00
N LYS A 202 -10.34 -2.81 -24.89
CA LYS A 202 -10.05 -4.18 -25.28
C LYS A 202 -8.65 -4.51 -24.81
N VAL A 203 -7.95 -3.50 -24.31
CA VAL A 203 -6.58 -3.69 -23.85
C VAL A 203 -6.51 -3.48 -22.35
N PHE A 204 -5.89 -4.42 -21.65
CA PHE A 204 -5.79 -4.36 -20.20
C PHE A 204 -4.35 -4.50 -19.75
N PRO A 205 -3.99 -3.82 -18.64
CA PRO A 205 -4.83 -2.85 -17.95
C PRO A 205 -4.66 -1.44 -18.50
N GLN A 206 -5.63 -0.59 -18.18
CA GLN A 206 -5.60 0.79 -18.61
C GLN A 206 -4.87 1.70 -17.62
N ASP A 207 -4.12 2.63 -18.19
CA ASP A 207 -3.46 3.71 -17.46
C ASP A 207 -2.96 3.35 -16.06
N LYS A 208 -2.36 2.16 -15.93
CA LYS A 208 -1.79 1.70 -14.67
C LYS A 208 -0.47 2.42 -14.38
N VAL A 209 0.08 2.16 -13.19
CA VAL A 209 1.38 2.71 -12.80
C VAL A 209 2.20 1.62 -12.11
N ILE A 210 3.50 1.56 -12.40
CA ILE A 210 4.36 0.56 -11.77
C ILE A 210 5.74 1.09 -11.48
N LEU A 211 6.40 0.45 -10.51
CA LEU A 211 7.74 0.82 -10.13
C LEU A 211 8.69 0.48 -11.26
N VAL A 212 9.34 1.49 -11.81
CA VAL A 212 10.30 1.27 -12.88
C VAL A 212 11.11 0.01 -12.58
N GLY A 213 11.31 -0.78 -13.63
CA GLY A 213 12.12 -2.00 -13.52
C GLY A 213 11.30 -3.17 -13.02
N SER A 214 9.98 -3.12 -13.18
CA SER A 214 9.14 -4.25 -12.79
C SER A 214 8.73 -5.09 -14.00
N ASP A 215 7.85 -6.07 -13.77
CA ASP A 215 7.31 -6.91 -14.85
C ASP A 215 5.83 -6.73 -14.93
N ILE A 216 5.26 -6.90 -16.11
CA ILE A 216 3.84 -6.65 -16.28
C ILE A 216 3.33 -7.26 -17.57
N THR A 217 2.10 -7.76 -17.55
CA THR A 217 1.49 -8.33 -18.74
C THR A 217 0.30 -7.50 -19.15
N PHE A 218 -0.04 -7.58 -20.43
CA PHE A 218 -1.15 -6.84 -20.99
C PHE A 218 -2.11 -7.73 -21.77
N CYS A 219 -3.38 -7.56 -21.47
CA CYS A 219 -4.47 -8.27 -22.14
C CYS A 219 -4.86 -7.58 -23.42
N CYS A 220 -5.50 -8.36 -24.28
CA CYS A 220 -6.22 -7.81 -25.42
C CYS A 220 -7.31 -8.75 -25.92
N VAL A 221 -8.54 -8.44 -25.54
CA VAL A 221 -9.71 -9.14 -26.07
C VAL A 221 -10.02 -8.67 -27.48
N SER A 222 -10.59 -9.57 -28.27
CA SER A 222 -10.93 -9.30 -29.66
C SER A 222 -11.56 -10.52 -30.30
N GLN A 223 -12.25 -10.27 -31.42
CA GLN A 223 -12.93 -11.31 -32.19
C GLN A 223 -12.27 -11.46 -33.54
N GLU A 224 -11.50 -10.44 -33.91
CA GLU A 224 -10.72 -10.51 -35.12
C GLU A 224 -9.25 -10.67 -34.79
N LYS A 225 -8.62 -11.61 -35.48
CA LYS A 225 -7.20 -11.92 -35.31
C LYS A 225 -6.35 -10.71 -34.99
N VAL A 226 -5.42 -10.86 -34.06
CA VAL A 226 -4.48 -9.78 -33.76
C VAL A 226 -3.19 -10.05 -34.49
N LEU A 227 -2.74 -9.07 -35.28
CA LEU A 227 -1.56 -9.25 -36.08
C LEU A 227 -0.29 -9.09 -35.27
N SER A 228 -0.19 -8.00 -34.52
CA SER A 228 0.97 -7.79 -33.65
C SER A 228 0.74 -6.70 -32.63
N ALA A 229 1.64 -6.65 -31.66
CA ALA A 229 1.59 -5.64 -30.61
C ALA A 229 3.00 -5.25 -30.24
N LEU A 230 3.14 -3.99 -29.85
CA LEU A 230 4.44 -3.46 -29.48
C LEU A 230 4.24 -2.51 -28.33
N ILE A 231 5.32 -2.31 -27.57
CA ILE A 231 5.30 -1.39 -26.45
C ILE A 231 5.68 -0.08 -27.13
N GLY A 232 6.95 0.12 -27.42
CA GLY A 232 7.38 1.41 -27.93
C GLY A 232 8.38 0.86 -28.91
N HIS A 233 8.03 0.89 -30.18
CA HIS A 233 8.96 0.43 -31.22
C HIS A 233 9.58 -0.88 -30.74
N THR A 234 8.78 -1.85 -30.30
CA THR A 234 9.35 -3.05 -29.68
C THR A 234 8.84 -4.41 -30.14
N ASN A 235 7.57 -4.49 -30.51
CA ASN A 235 7.04 -5.77 -31.01
C ASN A 235 7.11 -7.11 -30.29
N CYS A 236 6.24 -7.25 -29.30
CA CYS A 236 6.31 -8.31 -28.33
C CYS A 236 5.61 -9.52 -28.88
N PRO A 237 6.21 -10.70 -28.70
CA PRO A 237 5.61 -11.94 -29.16
C PRO A 237 4.19 -12.03 -28.64
N LEU A 238 3.34 -12.73 -29.36
CA LEU A 238 1.97 -12.82 -28.90
C LEU A 238 1.72 -14.07 -28.08
N ILE A 239 1.22 -13.90 -26.87
CA ILE A 239 0.76 -15.04 -26.08
C ILE A 239 -0.66 -15.31 -26.51
N HIS A 240 -0.92 -16.53 -26.98
CA HIS A 240 -2.24 -16.91 -27.48
C HIS A 240 -3.15 -17.46 -26.41
N LEU A 241 -4.14 -16.66 -26.03
CA LEU A 241 -5.08 -17.09 -25.03
C LEU A 241 -6.18 -17.50 -25.99
N ASP A 242 -7.40 -17.57 -25.50
CA ASP A 242 -8.48 -18.35 -26.05
C ASP A 242 -9.48 -18.29 -27.19
N GLY A 243 -9.97 -17.10 -27.50
CA GLY A 243 -10.58 -16.80 -28.78
C GLY A 243 -9.86 -15.65 -29.49
N GLU A 244 -8.77 -15.95 -30.18
CA GLU A 244 -8.03 -14.88 -30.85
C GLU A 244 -7.77 -13.74 -29.86
N ASN A 245 -7.75 -14.08 -28.56
CA ASN A 245 -7.37 -13.16 -27.51
C ASN A 245 -5.88 -13.27 -27.25
N VAL A 246 -5.26 -12.14 -26.98
CA VAL A 246 -3.82 -12.12 -26.87
C VAL A 246 -3.29 -11.51 -25.61
N ALA A 247 -2.11 -11.96 -25.22
CA ALA A 247 -1.46 -11.48 -24.03
C ALA A 247 -0.05 -11.14 -24.41
N ILE A 248 0.59 -10.29 -23.61
CA ILE A 248 2.02 -9.99 -23.77
C ILE A 248 2.65 -9.81 -22.41
N LYS A 249 3.76 -10.49 -22.19
CA LYS A 249 4.49 -10.29 -20.96
C LYS A 249 5.54 -9.24 -21.28
N ILE A 250 5.85 -8.40 -20.29
CA ILE A 250 6.90 -7.40 -20.42
C ILE A 250 7.80 -7.49 -19.18
N ARG A 251 9.11 -7.31 -19.36
CA ARG A 251 10.03 -7.41 -18.25
C ARG A 251 10.85 -6.15 -18.06
N ASN A 252 11.35 -5.96 -16.84
CA ASN A 252 12.24 -4.84 -16.52
C ASN A 252 11.75 -3.57 -17.19
N ILE A 253 10.52 -3.20 -16.87
CA ILE A 253 9.89 -2.02 -17.48
C ILE A 253 10.78 -0.81 -17.30
N SER A 254 10.90 0.02 -18.32
CA SER A 254 11.79 1.17 -18.23
C SER A 254 11.05 2.48 -18.02
N VAL A 255 11.76 3.44 -17.43
CA VAL A 255 11.19 4.75 -17.10
C VAL A 255 10.37 5.31 -18.23
N SER A 256 9.09 5.56 -17.98
CA SER A 256 8.22 6.16 -18.97
C SER A 256 8.55 7.63 -19.14
N ALA A 257 7.97 8.24 -20.17
CA ALA A 257 8.15 9.65 -20.40
C ALA A 257 7.07 10.40 -19.66
N SER A 258 7.16 11.74 -19.64
CA SER A 258 6.13 12.60 -19.04
C SER A 258 4.77 12.03 -19.34
N SER A 259 4.57 11.61 -20.59
CA SER A 259 3.39 10.85 -20.93
C SER A 259 3.74 9.36 -20.89
N GLY A 260 2.83 8.57 -20.33
CA GLY A 260 3.13 7.16 -20.15
C GLY A 260 3.45 6.50 -21.48
N THR A 261 4.32 5.49 -21.41
CA THR A 261 4.64 4.63 -22.55
C THR A 261 3.34 4.02 -23.11
N ASN A 262 3.27 3.79 -24.41
CA ASN A 262 2.08 3.21 -25.00
C ASN A 262 2.22 1.76 -25.40
N VAL A 263 1.10 1.06 -25.47
CA VAL A 263 1.05 -0.35 -25.81
C VAL A 263 -0.09 -0.42 -26.81
N VAL A 264 0.20 -0.87 -28.02
CA VAL A 264 -0.84 -0.98 -29.01
C VAL A 264 -0.95 -2.41 -29.52
N PHE A 265 -2.17 -2.88 -29.60
CA PHE A 265 -2.40 -4.13 -30.25
C PHE A 265 -2.90 -3.67 -31.58
N THR A 266 -2.64 -4.45 -32.63
CA THR A 266 -3.08 -4.06 -33.96
C THR A 266 -3.75 -5.21 -34.68
N THR A 267 -4.79 -4.88 -35.45
CA THR A 267 -5.53 -5.86 -36.20
C THR A 267 -5.52 -5.50 -37.67
N GLU A 268 -6.15 -6.37 -38.46
CA GLU A 268 -6.37 -6.15 -39.88
C GLU A 268 -6.81 -4.71 -40.08
N ASP A 269 -8.02 -4.39 -39.62
CA ASP A 269 -8.64 -3.09 -39.89
C ASP A 269 -8.27 -2.03 -38.86
N ASN A 270 -8.53 -2.30 -37.59
CA ASN A 270 -8.28 -1.31 -36.56
C ASN A 270 -7.01 -1.50 -35.71
N ILE A 271 -6.89 -0.68 -34.66
CA ILE A 271 -5.77 -0.71 -33.72
C ILE A 271 -6.25 -0.27 -32.35
N PHE A 272 -5.82 -0.98 -31.32
CA PHE A 272 -6.19 -0.65 -29.95
C PHE A 272 -4.96 -0.38 -29.11
N GLY A 273 -5.17 -0.02 -27.87
CA GLY A 273 -4.04 0.28 -27.01
C GLY A 273 -4.37 0.95 -25.70
N THR A 274 -3.35 1.00 -24.85
CA THR A 274 -3.47 1.66 -23.58
C THR A 274 -2.14 2.37 -23.30
N VAL A 275 -2.00 2.88 -22.09
CA VAL A 275 -0.80 3.59 -21.71
C VAL A 275 -0.33 3.01 -20.37
N ILE A 276 0.93 3.25 -20.04
CA ILE A 276 1.50 2.73 -18.81
C ILE A 276 2.51 3.76 -18.32
N PHE A 277 2.57 3.94 -17.00
CA PHE A 277 3.48 4.91 -16.43
C PHE A 277 4.36 4.22 -15.43
N ALA A 278 5.66 4.28 -15.69
CA ALA A 278 6.64 3.71 -14.81
C ALA A 278 7.45 4.85 -14.24
N GLY A 279 7.41 4.97 -12.93
CA GLY A 279 8.14 6.01 -12.21
C GLY A 279 8.64 5.47 -10.89
N TYR A 280 8.99 6.38 -9.98
CA TYR A 280 9.45 6.01 -8.66
C TYR A 280 8.55 6.62 -7.61
N PRO A 281 8.62 6.13 -6.37
CA PRO A 281 7.83 6.76 -5.34
C PRO A 281 8.40 8.15 -5.13
N PRO A 282 7.88 8.92 -4.16
CA PRO A 282 8.51 10.20 -3.96
C PRO A 282 9.72 10.06 -3.05
N ASP A 283 10.69 10.96 -3.20
CA ASP A 283 11.85 10.95 -2.35
C ASP A 283 11.49 11.59 -1.01
N THR A 284 12.16 11.18 0.06
CA THR A 284 11.94 11.80 1.36
C THR A 284 12.31 13.27 1.27
N PRO A 285 11.35 14.18 1.56
CA PRO A 285 11.64 15.61 1.37
C PRO A 285 12.93 16.01 2.10
N GLN A 286 13.89 16.51 1.32
CA GLN A 286 15.21 16.86 1.84
C GLN A 286 15.27 18.34 2.18
N GLN A 287 15.96 18.65 3.27
CA GLN A 287 16.18 20.03 3.72
C GLN A 287 14.86 20.73 4.10
N LEU A 288 14.22 20.19 5.14
CA LEU A 288 12.95 20.73 5.60
C LEU A 288 13.20 21.71 6.73
N ASN A 289 13.01 22.99 6.43
CA ASN A 289 13.22 24.05 7.41
C ASN A 289 12.06 25.01 7.43
N CYS A 290 11.72 25.48 8.62
CA CYS A 290 10.63 26.42 8.80
C CYS A 290 11.13 27.64 9.56
N GLU A 291 11.06 28.80 8.91
CA GLU A 291 11.48 30.05 9.52
C GLU A 291 10.24 30.90 9.74
N THR A 292 10.44 32.17 10.07
CA THR A 292 9.32 33.10 10.27
C THR A 292 9.72 34.57 10.11
N HIS A 293 9.00 35.29 9.26
CA HIS A 293 9.20 36.72 9.10
C HIS A 293 8.64 37.47 10.28
N ASP A 294 7.42 37.12 10.67
CA ASP A 294 6.73 37.75 11.77
C ASP A 294 6.22 36.58 12.60
N LEU A 295 6.08 36.80 13.91
CA LEU A 295 5.50 35.81 14.78
C LEU A 295 3.98 35.69 14.60
N LYS A 296 3.56 35.44 13.36
CA LYS A 296 2.16 35.20 13.03
C LYS A 296 2.01 33.92 12.23
N GLU A 297 2.93 33.70 11.29
CA GLU A 297 2.89 32.51 10.45
C GLU A 297 4.28 31.95 10.15
N ILE A 298 4.33 30.66 9.83
CA ILE A 298 5.58 29.96 9.59
C ILE A 298 5.71 29.54 8.14
N ILE A 299 6.96 29.47 7.67
CA ILE A 299 7.27 29.07 6.31
C ILE A 299 8.15 27.83 6.30
N CYS A 300 7.53 26.68 6.04
CA CYS A 300 8.26 25.43 5.91
C CYS A 300 8.59 25.22 4.45
N SER A 301 9.85 25.44 4.09
CA SER A 301 10.30 25.20 2.74
C SER A 301 11.05 23.89 2.67
N TRP A 302 10.95 23.21 1.53
CA TRP A 302 11.65 21.95 1.35
C TRP A 302 12.04 21.76 -0.10
N ASN A 303 12.72 20.64 -0.36
CA ASN A 303 13.16 20.30 -1.69
C ASN A 303 12.96 18.81 -1.94
N PRO A 304 12.26 18.45 -3.04
CA PRO A 304 12.09 17.05 -3.40
C PRO A 304 13.37 16.49 -3.97
N GLY A 305 13.59 15.20 -3.81
CA GLY A 305 14.80 14.56 -4.30
C GLY A 305 14.59 14.03 -5.70
N ARG A 306 14.80 12.72 -5.86
CA ARG A 306 14.65 12.06 -7.15
C ARG A 306 13.28 12.34 -7.72
N VAL A 307 13.26 12.72 -9.00
CA VAL A 307 12.02 12.98 -9.73
C VAL A 307 11.21 11.69 -9.85
N THR A 308 9.94 11.74 -9.43
CA THR A 308 9.08 10.55 -9.49
C THR A 308 8.89 10.06 -10.92
N ALA A 309 9.23 10.90 -11.89
CA ALA A 309 9.04 10.60 -13.30
C ALA A 309 7.56 10.49 -13.59
N LEU A 310 6.77 10.87 -12.59
CA LEU A 310 5.33 10.89 -12.72
C LEU A 310 4.88 12.29 -12.47
N VAL A 311 4.06 12.83 -13.37
CA VAL A 311 3.61 14.20 -13.27
C VAL A 311 2.12 14.34 -13.56
N GLY A 312 1.64 15.56 -13.72
CA GLY A 312 0.22 15.78 -13.99
C GLY A 312 -0.66 15.13 -12.93
N PRO A 313 -1.81 14.54 -13.36
CA PRO A 313 -2.80 13.98 -12.44
C PRO A 313 -2.21 12.93 -11.52
N ARG A 314 -0.90 12.80 -11.54
CA ARG A 314 -0.21 11.84 -10.69
C ARG A 314 1.10 12.39 -10.24
N ALA A 315 1.22 13.72 -10.26
CA ALA A 315 2.38 14.37 -9.68
C ALA A 315 2.34 14.14 -8.18
N THR A 316 3.51 13.96 -7.58
CA THR A 316 3.64 13.77 -6.13
C THR A 316 2.99 14.93 -5.34
N SER A 317 2.25 14.59 -4.28
CA SER A 317 1.58 15.59 -3.45
C SER A 317 2.18 15.69 -2.05
N TYR A 318 2.20 16.91 -1.50
CA TYR A 318 2.78 17.17 -0.18
C TYR A 318 1.73 17.68 0.79
N THR A 319 1.92 17.37 2.07
CA THR A 319 0.99 17.76 3.13
C THR A 319 1.72 17.98 4.44
N LEU A 320 1.65 19.20 4.96
CA LEU A 320 2.31 19.52 6.21
C LEU A 320 1.37 19.36 7.39
N VAL A 321 1.60 18.33 8.18
CA VAL A 321 0.78 18.06 9.36
C VAL A 321 1.52 18.48 10.63
N GLU A 322 0.81 19.11 11.56
CA GLU A 322 1.40 19.50 12.84
C GLU A 322 0.99 18.55 13.97
N SER A 323 2.00 18.03 14.66
CA SER A 323 1.82 17.03 15.71
C SER A 323 0.69 17.30 16.68
N PHE A 324 0.89 18.28 17.58
CA PHE A 324 -0.08 18.55 18.67
C PHE A 324 -1.28 19.35 18.19
N SER A 325 -1.02 20.51 17.62
CA SER A 325 -2.07 21.35 17.08
C SER A 325 -3.06 20.49 16.31
N GLY A 326 -2.53 19.54 15.54
CA GLY A 326 -3.36 18.68 14.72
C GLY A 326 -3.64 19.27 13.35
N LYS A 327 -3.49 20.59 13.23
CA LYS A 327 -3.70 21.29 11.97
C LYS A 327 -2.72 20.83 10.91
N TYR A 328 -3.19 20.74 9.67
CA TYR A 328 -2.32 20.40 8.56
C TYR A 328 -2.58 21.30 7.38
N VAL A 329 -1.92 21.01 6.26
CA VAL A 329 -2.11 21.79 5.04
C VAL A 329 -1.52 21.07 3.82
N ARG A 330 -2.42 20.60 2.94
CA ARG A 330 -2.04 19.86 1.73
C ARG A 330 -1.91 20.83 0.59
N LEU A 331 -0.67 21.20 0.26
CA LEU A 331 -0.40 22.05 -0.90
C LEU A 331 -0.73 21.34 -2.21
N LYS A 332 -1.61 21.95 -3.01
CA LYS A 332 -1.84 21.47 -4.36
C LYS A 332 -0.90 22.27 -5.25
N ARG A 333 -0.26 21.60 -6.19
CA ARG A 333 0.73 22.22 -7.05
C ARG A 333 0.23 22.41 -8.47
N ALA A 334 0.82 23.37 -9.18
CA ALA A 334 0.58 23.50 -10.61
C ALA A 334 1.30 22.29 -11.20
N GLU A 335 1.11 22.04 -12.50
CA GLU A 335 1.81 20.96 -13.20
C GLU A 335 3.31 21.22 -13.48
N ALA A 336 4.05 21.48 -12.40
CA ALA A 336 5.51 21.75 -12.38
C ALA A 336 6.00 23.17 -12.80
N PRO A 337 5.11 24.19 -12.87
CA PRO A 337 5.58 25.56 -13.11
C PRO A 337 6.47 26.09 -11.99
N THR A 338 6.52 25.36 -10.89
CA THR A 338 7.40 25.70 -9.77
C THR A 338 8.65 25.27 -10.53
N ASN A 339 9.81 25.75 -10.06
CA ASN A 339 11.14 25.17 -10.22
C ASN A 339 11.37 24.02 -9.23
N GLU A 340 12.64 23.67 -9.07
CA GLU A 340 13.17 22.79 -8.01
C GLU A 340 12.56 22.78 -6.59
N SER A 341 12.72 23.89 -5.85
CA SER A 341 12.21 23.98 -4.47
C SER A 341 10.89 24.75 -4.31
N TYR A 342 10.14 24.37 -3.28
CA TYR A 342 8.86 25.01 -2.93
C TYR A 342 8.51 24.89 -1.45
N GLN A 343 7.70 25.85 -1.00
CA GLN A 343 7.30 25.96 0.39
C GLN A 343 5.79 26.05 0.56
N LEU A 344 5.39 26.27 1.80
CA LEU A 344 3.98 26.37 2.15
C LEU A 344 3.83 27.19 3.42
N LEU A 345 2.61 27.67 3.69
CA LEU A 345 2.37 28.56 4.83
C LEU A 345 1.49 27.96 5.93
N PHE A 346 1.90 28.18 7.17
CA PHE A 346 1.23 27.64 8.34
C PHE A 346 1.02 28.75 9.37
N GLN A 347 -0.24 29.10 9.61
CA GLN A 347 -0.58 30.19 10.53
C GLN A 347 -0.25 29.76 11.94
N MET A 348 0.51 30.59 12.65
CA MET A 348 0.83 30.32 14.05
C MET A 348 -0.42 30.20 14.89
N LEU A 349 -0.42 29.25 15.82
CA LEU A 349 -1.50 29.09 16.78
C LEU A 349 -1.20 29.96 18.00
N PRO A 350 -2.23 30.58 18.60
CA PRO A 350 -1.90 31.46 19.71
C PRO A 350 -1.42 30.69 20.93
N ASN A 351 -0.29 31.12 21.48
CA ASN A 351 0.33 30.52 22.66
C ASN A 351 1.00 29.17 22.43
N GLN A 352 1.58 28.99 21.23
CA GLN A 352 2.25 27.74 20.86
C GLN A 352 3.75 27.84 21.06
N GLU A 353 4.40 28.60 20.18
CA GLU A 353 5.86 28.80 20.24
C GLU A 353 6.70 27.52 20.07
N ILE A 354 6.06 26.37 19.85
CA ILE A 354 6.76 25.13 19.48
C ILE A 354 5.92 24.24 18.56
N TYR A 355 6.49 23.86 17.42
CA TYR A 355 5.74 23.09 16.43
C TYR A 355 6.48 21.84 15.98
N ASN A 356 5.78 20.71 16.05
CA ASN A 356 6.33 19.42 15.65
C ASN A 356 5.87 19.07 14.25
N PHE A 357 6.55 19.65 13.26
CA PHE A 357 6.21 19.46 11.84
C PHE A 357 6.61 18.11 11.29
N THR A 358 5.81 17.63 10.35
CA THR A 358 6.07 16.39 9.64
C THR A 358 5.50 16.59 8.24
N LEU A 359 6.41 16.74 7.27
CA LEU A 359 6.02 16.93 5.88
C LEU A 359 5.76 15.57 5.25
N ASN A 360 4.51 15.33 4.87
CA ASN A 360 4.13 14.05 4.26
C ASN A 360 4.13 14.15 2.74
N ALA A 361 4.51 13.05 2.09
CA ALA A 361 4.52 13.00 0.65
C ALA A 361 3.79 11.76 0.15
N HIS A 362 2.84 11.96 -0.75
CA HIS A 362 2.06 10.87 -1.33
C HIS A 362 2.32 10.75 -2.83
N ASN A 363 2.13 9.55 -3.35
CA ASN A 363 2.49 9.17 -4.72
C ASN A 363 1.77 7.84 -5.02
N PRO A 364 1.23 7.66 -6.23
CA PRO A 364 0.50 6.42 -6.52
C PRO A 364 1.35 5.15 -6.45
N LEU A 365 2.62 5.31 -6.12
CA LEU A 365 3.52 4.17 -5.95
C LEU A 365 4.03 4.05 -4.52
N GLY A 366 4.23 5.19 -3.85
CA GLY A 366 4.71 5.18 -2.45
C GLY A 366 4.45 6.42 -1.60
N ARG A 367 4.94 6.38 -0.35
CA ARG A 367 4.86 7.54 0.54
C ARG A 367 6.16 7.73 1.29
N SER A 368 6.48 8.98 1.61
CA SER A 368 7.65 9.31 2.42
C SER A 368 7.34 10.44 3.40
N GLN A 369 8.23 10.63 4.37
CA GLN A 369 8.02 11.66 5.40
C GLN A 369 9.32 12.15 6.04
N SER A 370 9.36 13.45 6.33
CA SER A 370 10.48 14.05 7.01
C SER A 370 9.93 15.00 8.06
N THR A 371 10.22 14.73 9.33
CA THR A 371 9.65 15.53 10.41
C THR A 371 10.72 16.46 11.00
N ILE A 372 10.30 17.63 11.47
CA ILE A 372 11.22 18.58 12.09
C ILE A 372 10.51 19.42 13.15
N LEU A 373 10.97 19.29 14.40
CA LEU A 373 10.42 20.00 15.55
C LEU A 373 11.12 21.35 15.75
N VAL A 374 10.40 22.36 16.23
CA VAL A 374 10.96 23.71 16.34
C VAL A 374 10.45 24.60 17.48
N ASN A 375 11.26 25.60 17.82
CA ASN A 375 10.93 26.65 18.77
C ASN A 375 10.87 27.81 17.80
N ILE A 376 9.69 28.04 17.22
CA ILE A 376 9.45 29.16 16.30
C ILE A 376 10.25 30.43 16.56
N THR A 377 10.38 30.78 17.84
CA THR A 377 11.08 32.00 18.25
C THR A 377 12.56 31.97 17.87
N GLU A 378 13.22 30.84 18.14
CA GLU A 378 14.64 30.64 17.82
C GLU A 378 14.89 30.60 16.33
N LYS A 379 13.81 30.63 15.55
CA LYS A 379 13.88 30.53 14.09
C LYS A 379 13.24 31.74 13.39
N VAL A 380 13.43 32.92 13.96
CA VAL A 380 12.80 34.11 13.40
C VAL A 380 13.64 34.76 12.31
N TYR A 381 12.97 35.27 11.28
CA TYR A 381 13.64 35.96 10.20
C TYR A 381 12.86 37.22 9.80
N PRO A 382 13.31 38.38 10.30
CA PRO A 382 12.68 39.69 10.06
C PRO A 382 12.83 40.17 8.63
N HIS A 383 11.80 40.83 8.09
CA HIS A 383 11.89 41.40 6.77
C HIS A 383 12.54 42.79 6.87
N THR A 384 13.22 43.20 5.79
CA THR A 384 13.92 44.49 5.71
C THR A 384 13.06 45.70 6.10
N PRO A 385 13.64 46.67 6.85
CA PRO A 385 12.97 47.91 7.24
C PRO A 385 12.54 48.80 6.05
N THR A 386 11.70 49.80 6.31
CA THR A 386 11.15 50.66 5.26
C THR A 386 10.84 52.11 5.67
N SER A 387 10.93 53.02 4.69
CA SER A 387 10.56 54.43 4.83
C SER A 387 11.09 55.15 6.09
N PHE A 388 12.38 55.44 6.10
CA PHE A 388 13.00 56.12 7.26
C PHE A 388 13.80 57.36 6.85
N LYS A 389 13.94 58.30 7.78
CA LYS A 389 14.67 59.54 7.53
C LYS A 389 15.72 59.80 8.61
N VAL A 390 16.33 60.99 8.57
CA VAL A 390 17.35 61.40 9.54
C VAL A 390 17.09 62.84 10.00
N LYS A 391 16.21 62.98 10.98
CA LYS A 391 15.90 64.28 11.59
C LYS A 391 15.86 64.15 13.12
N ASP A 392 16.08 65.26 13.83
CA ASP A 392 16.20 65.25 15.29
C ASP A 392 15.85 66.59 15.97
N ILE A 393 16.25 66.72 17.22
CA ILE A 393 16.16 67.97 17.96
C ILE A 393 17.25 68.79 17.26
N ASN A 394 17.27 70.08 17.52
CA ASN A 394 18.34 71.03 17.14
C ASN A 394 19.81 70.54 17.14
N SER A 395 20.33 70.15 18.31
CA SER A 395 21.78 69.93 18.45
C SER A 395 22.24 68.46 18.46
N THR A 396 23.54 68.29 18.66
CA THR A 396 24.24 67.01 18.92
C THR A 396 23.91 66.16 17.69
N ALA A 397 23.65 64.87 17.91
CA ALA A 397 23.59 63.83 16.89
C ALA A 397 22.17 63.71 16.33
N VAL A 398 21.91 62.62 15.60
CA VAL A 398 20.59 62.38 15.00
C VAL A 398 19.83 61.22 15.63
N LYS A 399 18.51 61.38 15.75
CA LYS A 399 17.63 60.32 16.26
C LYS A 399 16.88 59.63 15.11
N LEU A 400 17.29 58.41 14.80
CA LEU A 400 16.71 57.65 13.68
C LEU A 400 15.33 57.07 14.03
N SER A 401 14.53 56.85 13.00
CA SER A 401 13.21 56.26 13.14
C SER A 401 12.92 55.34 11.96
N TRP A 402 12.91 54.05 12.24
CA TRP A 402 12.72 53.03 11.21
C TRP A 402 11.39 52.28 11.32
N HIS A 403 10.93 51.75 10.19
CA HIS A 403 9.67 51.03 10.11
C HIS A 403 9.90 49.56 9.76
N LEU A 404 9.37 48.66 10.58
CA LEU A 404 9.50 47.22 10.37
C LEU A 404 8.18 46.51 10.71
N PRO A 405 7.54 45.88 9.70
CA PRO A 405 6.22 45.23 9.86
C PRO A 405 6.24 43.93 10.67
N GLY A 406 5.07 43.54 11.16
CA GLY A 406 4.91 42.29 11.92
C GLY A 406 4.35 42.44 13.32
N ASN A 407 4.63 41.45 14.16
CA ASN A 407 4.17 41.41 15.54
C ASN A 407 5.31 41.01 16.48
N PHE A 408 5.91 42.00 17.14
CA PHE A 408 7.05 41.72 17.99
C PHE A 408 7.02 42.47 19.32
N ALA A 409 5.83 42.95 19.69
CA ALA A 409 5.67 43.66 20.96
C ALA A 409 6.16 42.83 22.15
N LYS A 410 6.40 41.54 21.90
CA LYS A 410 6.81 40.61 22.95
C LYS A 410 8.32 40.53 23.17
N ILE A 411 9.14 40.76 22.15
CA ILE A 411 10.59 40.62 22.30
C ILE A 411 11.42 41.86 21.94
N ASN A 412 12.74 41.74 22.12
CA ASN A 412 13.69 42.81 21.82
C ASN A 412 14.48 42.53 20.56
N PHE A 413 15.24 43.54 20.14
CA PHE A 413 16.04 43.46 18.93
C PHE A 413 17.51 43.78 19.20
N LEU A 414 18.35 43.52 18.19
CA LEU A 414 19.76 43.87 18.23
C LEU A 414 20.15 44.44 16.86
N CYS A 415 19.37 45.42 16.42
CA CYS A 415 19.56 46.06 15.14
C CYS A 415 20.83 46.89 15.12
N GLU A 416 21.94 46.28 14.66
CA GLU A 416 23.23 46.96 14.62
C GLU A 416 23.26 48.07 13.54
N ILE A 417 23.51 49.29 13.99
CA ILE A 417 23.57 50.47 13.12
C ILE A 417 25.03 50.85 12.79
N GLU A 418 25.34 50.91 11.50
CA GLU A 418 26.69 51.23 11.03
C GLU A 418 26.76 52.67 10.52
N ILE A 419 27.67 53.45 11.11
CA ILE A 419 27.84 54.85 10.75
C ILE A 419 29.09 54.98 9.89
N LYS A 420 28.93 55.46 8.66
CA LYS A 420 30.05 55.63 7.75
C LYS A 420 30.43 57.10 7.60
N LYS A 421 31.70 57.42 7.88
CA LYS A 421 32.21 58.77 7.77
C LYS A 421 32.37 59.18 6.30
N SER A 422 33.04 60.31 6.06
CA SER A 422 33.27 60.84 4.71
C SER A 422 34.16 59.86 3.94
N ASN A 423 33.54 58.85 3.34
CA ASN A 423 34.21 57.89 2.46
C ASN A 423 35.51 57.30 3.02
N SER A 424 35.58 57.14 4.34
CA SER A 424 36.80 56.65 4.98
C SER A 424 36.58 55.56 6.04
N VAL A 425 36.03 55.95 7.20
CA VAL A 425 35.84 55.00 8.31
C VAL A 425 34.38 54.62 8.54
N GLN A 426 34.19 53.52 9.27
CA GLN A 426 32.86 53.02 9.62
C GLN A 426 32.89 52.19 10.90
N GLU A 427 32.80 52.88 12.05
CA GLU A 427 32.71 52.22 13.35
C GLU A 427 31.37 51.50 13.47
N GLN A 428 31.16 50.83 14.60
CA GLN A 428 29.94 50.03 14.79
C GLN A 428 29.33 50.27 16.18
N ARG A 429 28.01 50.38 16.22
CA ARG A 429 27.27 50.55 17.47
C ARG A 429 25.85 50.00 17.36
N ASN A 430 25.33 49.50 18.48
CA ASN A 430 24.00 48.88 18.51
C ASN A 430 23.19 49.31 19.74
N VAL A 431 21.96 49.78 19.49
CA VAL A 431 21.05 50.14 20.58
C VAL A 431 19.84 49.21 20.55
N THR A 432 19.48 48.71 21.73
CA THR A 432 18.37 47.77 21.86
C THR A 432 17.02 48.45 22.08
N ILE A 433 16.03 48.07 21.27
CA ILE A 433 14.66 48.59 21.38
C ILE A 433 13.66 47.45 21.53
N GLN A 434 12.62 47.68 22.33
CA GLN A 434 11.57 46.70 22.55
C GLN A 434 10.64 46.68 21.34
N GLY A 435 9.72 45.73 21.29
CA GLY A 435 8.73 45.67 20.23
C GLY A 435 7.57 46.62 20.46
N VAL A 436 7.18 47.35 19.42
CA VAL A 436 6.07 48.31 19.51
C VAL A 436 4.84 47.74 18.79
N GLU A 437 3.95 48.64 18.38
CA GLU A 437 2.77 48.25 17.63
C GLU A 437 3.17 48.06 16.18
N ASN A 438 2.23 47.62 15.35
CA ASN A 438 2.50 47.49 13.92
C ASN A 438 2.74 48.92 13.43
N SER A 439 3.94 49.42 13.73
CA SER A 439 4.35 50.76 13.34
C SER A 439 5.87 50.90 13.42
N SER A 440 6.34 52.13 13.25
CA SER A 440 7.76 52.44 13.30
C SER A 440 8.33 52.40 14.72
N TYR A 441 9.59 52.79 14.86
CA TYR A 441 10.29 52.76 16.14
C TYR A 441 11.10 54.04 16.35
N LEU A 442 11.70 54.16 17.53
CA LEU A 442 12.43 55.37 17.91
C LEU A 442 13.73 55.00 18.65
N VAL A 443 14.86 55.21 17.99
CA VAL A 443 16.17 54.91 18.57
C VAL A 443 16.91 56.16 19.04
N ALA A 444 18.24 56.09 19.15
CA ALA A 444 19.07 57.22 19.59
C ALA A 444 20.57 56.99 19.38
N LEU A 445 21.28 58.07 19.05
CA LEU A 445 22.74 58.05 18.91
C LEU A 445 23.39 58.86 20.02
N ASP A 446 24.61 59.34 19.80
CA ASP A 446 25.32 60.14 20.80
C ASP A 446 26.57 60.81 20.26
N LYS A 447 26.59 62.14 20.35
CA LYS A 447 27.73 62.96 19.94
C LYS A 447 28.35 62.67 18.58
N LEU A 448 27.66 63.10 17.51
CA LEU A 448 28.12 62.84 16.15
C LEU A 448 28.68 64.09 15.50
N ASN A 449 29.61 63.90 14.57
CA ASN A 449 30.27 65.01 13.88
C ASN A 449 29.28 65.72 12.95
N PRO A 450 28.92 66.99 13.26
CA PRO A 450 28.00 67.75 12.41
C PRO A 450 28.45 67.78 10.96
N TYR A 451 27.58 67.29 10.06
CA TYR A 451 27.89 67.12 8.65
C TYR A 451 29.11 66.21 8.78
N THR A 452 30.18 66.57 8.08
CA THR A 452 31.38 65.75 7.88
C THR A 452 31.11 64.65 6.82
N LEU A 453 30.22 64.97 5.87
CA LEU A 453 29.90 64.06 4.77
C LEU A 453 29.64 62.64 5.29
N TYR A 454 28.74 62.53 6.26
CA TYR A 454 28.39 61.26 6.90
C TYR A 454 27.28 60.51 6.17
N THR A 455 27.19 59.20 6.43
CA THR A 455 26.20 58.32 5.80
C THR A 455 25.72 57.24 6.80
N PHE A 456 24.50 56.74 6.59
CA PHE A 456 23.89 55.74 7.46
C PHE A 456 23.53 54.43 6.75
N ARG A 457 23.30 53.38 7.56
CA ARG A 457 22.85 52.07 7.08
C ARG A 457 22.41 51.23 8.27
N ILE A 458 21.39 50.41 8.08
CA ILE A 458 20.79 49.63 9.19
C ILE A 458 20.47 48.16 8.86
N ARG A 459 20.63 47.31 9.86
CA ARG A 459 20.35 45.87 9.78
C ARG A 459 19.95 45.37 11.16
N CYS A 460 18.87 44.60 11.24
CA CYS A 460 18.32 44.18 12.54
C CYS A 460 18.76 42.82 13.08
N SER A 461 18.09 42.41 14.16
CA SER A 461 18.29 41.13 14.83
C SER A 461 17.17 40.94 15.85
N THR A 462 17.18 39.81 16.54
CA THR A 462 16.14 39.50 17.53
C THR A 462 16.76 39.06 18.86
N GLU A 463 15.96 39.15 19.92
CA GLU A 463 16.30 38.58 21.22
C GLU A 463 16.72 37.13 21.00
N THR A 464 15.91 36.41 20.23
CA THR A 464 16.25 35.06 19.81
C THR A 464 17.39 35.09 18.81
N PHE A 465 18.11 33.98 18.69
CA PHE A 465 19.26 33.89 17.80
C PHE A 465 18.98 33.28 16.41
N TRP A 466 19.05 34.10 15.36
CA TRP A 466 18.81 33.65 13.98
C TRP A 466 19.22 34.69 12.94
N LYS A 467 18.73 34.54 11.71
CA LYS A 467 19.10 35.39 10.59
C LYS A 467 18.80 36.88 10.81
N TRP A 468 19.74 37.72 10.40
CA TRP A 468 19.59 39.17 10.43
C TRP A 468 18.66 39.57 9.27
N SER A 469 18.67 40.86 8.92
CA SER A 469 17.74 41.39 7.92
C SER A 469 18.45 42.07 6.77
N LYS A 470 17.69 42.36 5.71
CA LYS A 470 18.21 43.07 4.56
C LYS A 470 18.46 44.52 4.95
N TRP A 471 19.61 45.05 4.56
CA TRP A 471 19.94 46.44 4.79
C TRP A 471 18.85 47.35 4.21
N SER A 472 18.71 48.55 4.76
CA SER A 472 17.69 49.48 4.30
C SER A 472 18.28 50.53 3.37
N ASN A 473 17.41 51.37 2.80
CA ASN A 473 17.84 52.48 1.93
C ASN A 473 18.89 53.33 2.64
N LYS A 474 20.13 53.30 2.15
CA LYS A 474 21.24 54.06 2.76
C LYS A 474 20.97 55.57 2.70
N LYS A 475 21.00 56.22 3.86
CA LYS A 475 20.71 57.65 3.95
C LYS A 475 21.91 58.48 4.43
N GLN A 476 21.97 59.73 3.99
CA GLN A 476 23.07 60.62 4.37
C GLN A 476 22.62 62.07 4.64
N HIS A 477 21.51 62.21 5.35
CA HIS A 477 20.98 63.53 5.68
C HIS A 477 21.82 64.21 6.77
N LEU A 478 22.73 65.08 6.34
CA LEU A 478 23.60 65.82 7.26
C LEU A 478 22.84 66.97 7.90
N THR A 479 22.65 66.91 9.21
CA THR A 479 22.01 68.00 9.94
C THR A 479 23.04 69.12 9.84
N THR A 480 22.61 70.33 10.22
CA THR A 480 23.42 71.54 10.49
C THR A 480 24.84 71.63 11.09
N GLU A 481 25.70 72.38 10.40
CA GLU A 481 27.15 72.41 10.63
C GLU A 481 27.66 73.81 11.01
N ALA A 482 26.99 74.85 10.53
CA ALA A 482 27.44 76.23 10.77
C ALA A 482 26.30 77.17 11.17
N SER A 483 26.30 77.57 12.45
CA SER A 483 25.31 78.51 12.99
C SER A 483 25.81 79.15 14.28
#